data_8DKA
#
_entry.id   8DKA
#
_cell.length_a   36.438
_cell.length_b   51.847
_cell.length_c   81.828
_cell.angle_alpha   90.000
_cell.angle_beta   90.000
_cell.angle_gamma   90.000
#
_symmetry.space_group_name_H-M   'P 21 21 21'
#
loop_
_entity.id
_entity.type
_entity.pdbx_description
1 polymer 'Abp2D Receptor Binding Domain R86E'
2 water water
#
_entity_poly.entity_id   1
_entity_poly.type   'polypeptide(L)'
_entity_poly.pdbx_seq_one_letter_code
;YCTLSSGFTTVDISMAVGRVVVRPSDPVGKILRKATFPINPNGSTLRCTSYSDTITAALTQNYPLSPLGNSIYSTNIPGI
GIRLYEEAENATNFSGYYPYTRSLTPGTTYNLAQGYFVVEIVKTADQTGSGTLVPGLYSRYYVNGHMDRPFLTSTVYGNA
ITIASSSHHHHHH
;
_entity_poly.pdbx_strand_id   A
#
# COMPACT_ATOMS: atom_id res chain seq x y z
N TYR A 1 -1.47 6.77 23.62
CA TYR A 1 -1.23 7.80 22.59
C TYR A 1 0.22 7.65 22.12
N CYS A 2 0.48 8.06 20.89
CA CYS A 2 1.82 7.97 20.31
C CYS A 2 2.43 9.35 20.16
N THR A 3 3.76 9.43 20.36
CA THR A 3 4.53 10.64 20.15
C THR A 3 5.53 10.41 19.04
N LEU A 4 5.56 11.32 18.07
CA LEU A 4 6.50 11.23 16.96
C LEU A 4 7.79 11.96 17.30
N SER A 5 8.90 11.45 16.76
CA SER A 5 10.19 12.08 16.97
C SER A 5 10.21 13.47 16.36
N SER A 6 11.07 14.33 16.93
CA SER A 6 11.30 15.65 16.36
C SER A 6 11.76 15.51 14.92
N GLY A 7 11.15 16.27 14.02
CA GLY A 7 11.52 16.20 12.62
C GLY A 7 11.04 14.97 11.91
N PHE A 8 10.12 14.21 12.51
CA PHE A 8 9.55 13.01 11.91
C PHE A 8 9.17 13.28 10.45
N THR A 9 9.63 12.41 9.56
CA THR A 9 9.41 12.61 8.13
C THR A 9 8.83 11.36 7.48
N THR A 10 7.73 11.54 6.76
CA THR A 10 7.13 10.45 5.99
C THR A 10 7.99 10.05 4.80
N VAL A 11 8.08 8.75 4.56
CA VAL A 11 8.69 8.20 3.35
C VAL A 11 7.58 7.96 2.35
N ASP A 12 7.68 8.55 1.17
CA ASP A 12 6.66 8.34 0.14
C ASP A 12 7.26 7.49 -0.97
N ILE A 13 6.59 6.39 -1.29
CA ILE A 13 6.96 5.56 -2.44
C ILE A 13 6.15 6.02 -3.65
N SER A 14 6.85 6.42 -4.70
CA SER A 14 6.21 6.71 -5.98
C SER A 14 5.97 5.38 -6.68
N MET A 15 4.70 5.05 -6.89
CA MET A 15 4.29 3.77 -7.47
C MET A 15 4.47 3.74 -8.99
N ALA A 16 5.72 3.85 -9.40
CA ALA A 16 6.06 3.95 -10.82
C ALA A 16 6.16 2.54 -11.42
N VAL A 17 4.98 1.92 -11.57
CA VAL A 17 4.91 0.57 -12.11
C VAL A 17 5.26 0.56 -13.60
N GLY A 18 4.63 1.44 -14.36
CA GLY A 18 4.86 1.50 -15.78
C GLY A 18 3.70 0.94 -16.58
N ARG A 19 3.99 0.48 -17.78
CA ARG A 19 2.99 -0.03 -18.70
C ARG A 19 2.76 -1.51 -18.44
N VAL A 20 1.48 -1.86 -18.22
CA VAL A 20 1.08 -3.22 -17.92
C VAL A 20 0.24 -3.73 -19.08
N VAL A 21 0.74 -4.74 -19.78
CA VAL A 21 0.04 -5.29 -20.93
C VAL A 21 -0.85 -6.42 -20.45
N VAL A 22 -2.10 -6.43 -20.90
CA VAL A 22 -3.07 -7.44 -20.52
C VAL A 22 -3.57 -8.11 -21.80
N ARG A 23 -3.57 -9.44 -21.82
CA ARG A 23 -4.03 -10.22 -22.95
C ARG A 23 -5.41 -10.81 -22.64
N PRO A 24 -6.30 -10.92 -23.63
CA PRO A 24 -7.61 -11.52 -23.36
C PRO A 24 -7.50 -12.89 -22.72
N SER A 25 -6.44 -13.63 -23.06
CA SER A 25 -6.25 -14.97 -22.51
C SER A 25 -5.80 -14.95 -21.05
N ASP A 26 -5.24 -13.83 -20.58
CA ASP A 26 -4.80 -13.76 -19.20
C ASP A 26 -5.98 -14.10 -18.28
N PRO A 27 -5.83 -15.03 -17.35
CA PRO A 27 -6.97 -15.42 -16.52
C PRO A 27 -7.22 -14.45 -15.38
N VAL A 28 -8.49 -14.32 -15.03
CA VAL A 28 -8.89 -13.57 -13.86
C VAL A 28 -8.12 -14.12 -12.67
N GLY A 29 -7.53 -13.20 -11.89
CA GLY A 29 -6.71 -13.55 -10.76
C GLY A 29 -5.22 -13.47 -11.02
N LYS A 30 -4.81 -13.36 -12.28
CA LYS A 30 -3.39 -13.31 -12.59
C LYS A 30 -2.78 -12.00 -12.09
N ILE A 31 -1.60 -12.11 -11.48
CA ILE A 31 -0.82 -10.94 -11.15
C ILE A 31 -0.18 -10.47 -12.45
N LEU A 32 -0.74 -9.41 -13.06
CA LEU A 32 -0.26 -8.94 -14.35
C LEU A 32 1.13 -8.32 -14.22
N ARG A 33 1.42 -7.68 -13.10
CA ARG A 33 2.74 -7.12 -12.84
C ARG A 33 2.92 -7.01 -11.35
N LYS A 34 4.07 -7.47 -10.85
CA LYS A 34 4.50 -7.25 -9.46
C LYS A 34 5.65 -6.26 -9.51
N ALA A 35 5.42 -5.05 -9.01
CA ALA A 35 6.44 -4.01 -8.97
C ALA A 35 6.94 -3.87 -7.55
N THR A 36 8.25 -3.84 -7.37
CA THR A 36 8.88 -3.70 -6.07
C THR A 36 9.58 -2.35 -6.01
N PHE A 37 9.39 -1.62 -4.91
CA PHE A 37 10.00 -0.31 -4.75
C PHE A 37 10.73 -0.25 -3.42
N PRO A 38 11.92 0.37 -3.38
CA PRO A 38 12.70 0.36 -2.14
C PRO A 38 12.10 1.25 -1.07
N ILE A 39 12.06 0.74 0.14
CA ILE A 39 11.70 1.51 1.33
C ILE A 39 12.99 1.90 2.04
N ASN A 40 13.26 3.21 2.11
CA ASN A 40 14.47 3.72 2.74
C ASN A 40 14.09 4.37 4.07
N PRO A 41 14.16 3.64 5.19
CA PRO A 41 13.94 4.30 6.48
C PRO A 41 14.89 5.47 6.64
N ASN A 42 14.47 6.46 7.41
CA ASN A 42 15.21 7.72 7.47
C ASN A 42 15.48 8.19 8.91
N GLY A 43 15.35 7.31 9.88
CA GLY A 43 15.63 7.66 11.26
C GLY A 43 14.44 8.16 12.07
N SER A 44 13.32 8.46 11.41
CA SER A 44 12.12 8.87 12.13
C SER A 44 11.64 7.75 13.03
N THR A 45 11.16 8.14 14.21
CA THR A 45 10.70 7.15 15.18
C THR A 45 9.44 7.66 15.87
N LEU A 46 8.84 6.76 16.63
CA LEU A 46 7.71 7.12 17.46
C LEU A 46 7.63 6.08 18.57
N ARG A 47 6.93 6.45 19.63
CA ARG A 47 6.66 5.54 20.73
C ARG A 47 5.28 5.85 21.28
N CYS A 48 4.65 4.84 21.86
CA CYS A 48 3.27 4.93 22.28
C CYS A 48 3.15 4.50 23.73
N THR A 49 2.02 4.85 24.35
CA THR A 49 1.86 4.72 25.78
C THR A 49 0.78 3.74 26.18
N SER A 50 -0.06 3.30 25.24
N SER A 50 -0.05 3.29 25.26
CA SER A 50 -1.27 2.56 25.55
CA SER A 50 -1.25 2.53 25.60
C SER A 50 -1.34 1.28 24.74
C SER A 50 -1.37 1.29 24.74
N TYR A 51 -1.86 0.21 25.37
CA TYR A 51 -2.05 -1.05 24.65
C TYR A 51 -3.10 -0.93 23.55
N SER A 52 -3.92 0.12 23.57
CA SER A 52 -4.90 0.35 22.51
C SER A 52 -4.31 1.06 21.31
N ASP A 53 -3.05 1.50 21.39
CA ASP A 53 -2.44 2.21 20.27
C ASP A 53 -2.12 1.23 19.16
N THR A 54 -2.18 1.72 17.92
CA THR A 54 -2.10 0.84 16.77
C THR A 54 -1.29 1.50 15.65
N ILE A 55 -0.80 0.67 14.77
CA ILE A 55 -0.26 1.11 13.49
C ILE A 55 -1.12 0.48 12.42
N THR A 56 -1.45 1.24 11.41
CA THR A 56 -2.43 0.84 10.42
C THR A 56 -1.87 1.06 9.04
N ALA A 57 -1.94 0.02 8.19
CA ALA A 57 -1.75 0.13 6.74
C ALA A 57 -3.13 0.30 6.13
N ALA A 58 -3.45 1.52 5.71
CA ALA A 58 -4.75 1.86 5.18
C ALA A 58 -4.66 2.23 3.70
N LEU A 59 -5.72 1.92 2.97
CA LEU A 59 -5.85 2.25 1.55
C LEU A 59 -6.73 3.48 1.39
N THR A 60 -6.23 4.47 0.67
CA THR A 60 -6.86 5.78 0.68
C THR A 60 -7.69 6.07 -0.57
N GLN A 61 -7.58 5.27 -1.63
CA GLN A 61 -8.52 5.42 -2.73
C GLN A 61 -9.86 4.84 -2.29
N ASN A 62 -10.94 5.37 -2.83
CA ASN A 62 -12.28 4.96 -2.40
C ASN A 62 -12.82 3.75 -3.17
N TYR A 63 -11.96 3.04 -3.88
CA TYR A 63 -12.45 1.92 -4.67
C TYR A 63 -12.65 0.71 -3.77
N PRO A 64 -13.76 -0.01 -3.95
CA PRO A 64 -14.05 -1.15 -3.07
C PRO A 64 -13.14 -2.33 -3.37
N LEU A 65 -13.13 -3.26 -2.43
CA LEU A 65 -12.53 -4.57 -2.67
C LEU A 65 -13.10 -5.15 -3.95
N SER A 66 -12.25 -5.71 -4.79
CA SER A 66 -12.69 -6.31 -6.03
C SER A 66 -13.47 -7.59 -5.73
N PRO A 67 -14.19 -8.11 -6.72
CA PRO A 67 -14.94 -9.36 -6.50
C PRO A 67 -14.04 -10.52 -6.06
N LEU A 68 -12.74 -10.44 -6.32
CA LEU A 68 -11.83 -11.52 -5.95
C LEU A 68 -11.45 -11.47 -4.47
N GLY A 69 -11.60 -10.33 -3.83
CA GLY A 69 -11.19 -10.26 -2.45
C GLY A 69 -9.69 -10.43 -2.32
N ASN A 70 -9.28 -11.05 -1.21
CA ASN A 70 -7.87 -11.26 -0.89
C ASN A 70 -7.08 -9.98 -1.10
N SER A 71 -7.63 -8.88 -0.59
CA SER A 71 -6.98 -7.56 -0.61
C SER A 71 -6.73 -7.02 -2.01
N ILE A 72 -7.38 -7.57 -3.02
CA ILE A 72 -7.29 -7.02 -4.37
C ILE A 72 -8.42 -6.00 -4.51
N TYR A 73 -8.07 -4.74 -4.59
CA TYR A 73 -9.04 -3.67 -4.69
C TYR A 73 -9.23 -3.22 -6.12
N SER A 74 -10.46 -2.84 -6.47
N SER A 74 -10.46 -2.83 -6.47
CA SER A 74 -10.73 -2.37 -7.81
CA SER A 74 -10.74 -2.35 -7.80
C SER A 74 -10.04 -1.02 -8.03
C SER A 74 -10.03 -1.02 -8.03
N THR A 75 -9.95 -0.62 -9.30
CA THR A 75 -9.38 0.66 -9.68
C THR A 75 -10.37 1.39 -10.58
N ASN A 76 -9.95 2.52 -11.14
CA ASN A 76 -10.76 3.21 -12.12
C ASN A 76 -10.79 2.50 -13.46
N ILE A 77 -9.94 1.50 -13.65
CA ILE A 77 -9.85 0.76 -14.91
C ILE A 77 -10.65 -0.53 -14.75
N PRO A 78 -11.65 -0.77 -15.58
CA PRO A 78 -12.48 -1.97 -15.40
C PRO A 78 -11.65 -3.24 -15.51
N GLY A 79 -11.88 -4.17 -14.58
CA GLY A 79 -11.22 -5.45 -14.62
C GLY A 79 -9.79 -5.44 -14.16
N ILE A 80 -9.30 -4.33 -13.65
CA ILE A 80 -7.93 -4.21 -13.17
C ILE A 80 -7.99 -3.88 -11.69
N GLY A 81 -7.35 -4.73 -10.88
CA GLY A 81 -7.24 -4.52 -9.46
C GLY A 81 -5.81 -4.21 -9.05
N ILE A 82 -5.68 -3.71 -7.83
CA ILE A 82 -4.38 -3.36 -7.27
C ILE A 82 -4.32 -3.92 -5.86
N ARG A 83 -3.18 -4.54 -5.54
CA ARG A 83 -2.94 -5.04 -4.19
C ARG A 83 -1.58 -4.54 -3.72
N LEU A 84 -1.53 -4.09 -2.47
CA LEU A 84 -0.33 -3.50 -1.91
C LEU A 84 0.12 -4.25 -0.66
N TYR A 85 1.43 -4.29 -0.45
CA TYR A 85 1.94 -4.80 0.82
C TYR A 85 3.40 -4.43 0.96
N GLU A 86 3.88 -4.57 2.20
CA GLU A 86 5.27 -4.27 2.54
C GLU A 86 6.00 -5.57 2.76
N GLU A 87 7.14 -5.75 2.07
CA GLU A 87 7.96 -6.94 2.21
C GLU A 87 9.11 -6.68 3.19
N GLU A 89 11.04 -7.09 7.20
CA GLU A 89 11.99 -8.20 7.18
C GLU A 89 12.00 -8.89 8.54
N ASN A 90 11.77 -10.20 8.51
CA ASN A 90 11.59 -11.01 9.71
C ASN A 90 10.73 -10.27 10.76
N ALA A 91 9.52 -9.94 10.34
CA ALA A 91 8.55 -9.35 11.26
C ALA A 91 7.17 -9.62 10.64
N THR A 92 6.70 -10.87 10.78
CA THR A 92 5.42 -11.24 10.19
C THR A 92 4.25 -10.55 10.88
N ASN A 93 4.37 -10.29 12.19
CA ASN A 93 3.31 -9.60 12.91
C ASN A 93 3.04 -8.22 12.31
N PHE A 94 4.04 -7.62 11.66
CA PHE A 94 3.91 -6.30 11.04
C PHE A 94 4.12 -6.38 9.54
N SER A 95 3.58 -7.42 8.92
CA SER A 95 3.54 -7.53 7.46
C SER A 95 2.14 -8.01 7.07
N GLY A 96 1.90 -8.11 5.77
CA GLY A 96 0.63 -8.56 5.25
C GLY A 96 0.10 -7.62 4.19
N TYR A 97 -0.97 -8.07 3.54
CA TYR A 97 -1.62 -7.26 2.53
C TYR A 97 -2.30 -6.07 3.17
N TYR A 98 -2.16 -4.91 2.55
CA TYR A 98 -2.95 -3.76 2.91
C TYR A 98 -4.43 -4.04 2.60
N PRO A 99 -5.35 -3.61 3.46
CA PRO A 99 -5.11 -2.89 4.71
C PRO A 99 -5.04 -3.83 5.91
N TYR A 100 -4.40 -3.36 6.98
CA TYR A 100 -4.40 -4.11 8.23
C TYR A 100 -4.10 -3.14 9.35
N THR A 101 -4.35 -3.57 10.58
N THR A 101 -4.40 -3.56 10.57
CA THR A 101 -4.03 -2.77 11.75
CA THR A 101 -4.07 -2.81 11.77
C THR A 101 -3.51 -3.72 12.80
C THR A 101 -3.44 -3.77 12.76
N ARG A 102 -2.48 -3.28 13.53
CA ARG A 102 -1.80 -4.11 14.51
C ARG A 102 -1.59 -3.30 15.79
N SER A 103 -1.57 -4.00 16.91
CA SER A 103 -1.32 -3.36 18.19
C SER A 103 0.16 -3.03 18.33
N LEU A 104 0.43 -1.93 19.04
CA LEU A 104 1.79 -1.53 19.33
C LEU A 104 2.08 -1.71 20.82
N THR A 105 3.34 -2.01 21.13
CA THR A 105 3.75 -2.25 22.51
C THR A 105 4.11 -0.92 23.15
N PRO A 106 3.47 -0.54 24.26
CA PRO A 106 3.84 0.71 24.92
C PRO A 106 5.32 0.74 25.24
N GLY A 107 5.92 1.92 25.03
CA GLY A 107 7.32 2.13 25.36
C GLY A 107 8.30 1.67 24.30
N THR A 108 7.87 0.82 23.36
CA THR A 108 8.75 0.40 22.29
C THR A 108 8.95 1.55 21.31
N THR A 109 10.21 1.84 20.99
CA THR A 109 10.52 2.84 19.99
C THR A 109 10.42 2.19 18.61
N TYR A 110 9.49 2.66 17.79
CA TYR A 110 9.24 2.07 16.48
C TYR A 110 9.91 2.87 15.39
N ASN A 111 10.46 2.16 14.41
CA ASN A 111 11.04 2.71 13.21
C ASN A 111 10.33 2.07 12.01
N LEU A 112 10.42 2.74 10.87
CA LEU A 112 9.94 2.15 9.62
C LEU A 112 10.83 0.98 9.23
N ALA A 113 10.23 -0.21 9.15
CA ALA A 113 11.01 -1.43 8.99
C ALA A 113 11.70 -1.47 7.63
N GLN A 114 12.86 -2.12 7.59
CA GLN A 114 13.58 -2.29 6.34
C GLN A 114 12.80 -3.21 5.41
N GLY A 115 12.87 -2.94 4.13
CA GLY A 115 12.24 -3.83 3.16
C GLY A 115 11.84 -3.08 1.90
N TYR A 116 10.79 -3.63 1.25
CA TYR A 116 10.34 -3.18 -0.05
C TYR A 116 8.83 -3.04 -0.08
N PHE A 117 8.35 -2.04 -0.81
CA PHE A 117 6.93 -1.83 -1.01
C PHE A 117 6.54 -2.50 -2.33
N VAL A 118 5.52 -3.35 -2.28
CA VAL A 118 5.11 -4.13 -3.45
C VAL A 118 3.76 -3.67 -3.96
N VAL A 119 3.69 -3.36 -5.26
CA VAL A 119 2.45 -3.07 -5.96
C VAL A 119 2.17 -4.22 -6.93
N GLU A 120 1.05 -4.90 -6.75
CA GLU A 120 0.60 -5.94 -7.65
C GLU A 120 -0.62 -5.43 -8.43
N ILE A 121 -0.53 -5.48 -9.75
CA ILE A 121 -1.64 -5.19 -10.66
C ILE A 121 -2.26 -6.54 -11.09
N VAL A 122 -3.56 -6.67 -10.88
CA VAL A 122 -4.23 -7.97 -10.96
C VAL A 122 -5.41 -7.87 -11.92
N LYS A 123 -5.59 -8.89 -12.74
CA LYS A 123 -6.76 -8.98 -13.59
C LYS A 123 -7.93 -9.49 -12.73
N THR A 124 -8.97 -8.69 -12.64
CA THR A 124 -10.11 -9.03 -11.80
C THR A 124 -11.38 -9.37 -12.58
N ALA A 125 -11.39 -9.21 -13.90
CA ALA A 125 -12.53 -9.61 -14.71
C ALA A 125 -12.06 -10.07 -16.08
N ASP A 126 -12.96 -10.76 -16.79
CA ASP A 126 -12.59 -11.42 -18.04
C ASP A 126 -12.01 -10.44 -19.04
N GLN A 127 -12.62 -9.28 -19.17
CA GLN A 127 -12.13 -8.24 -20.06
C GLN A 127 -11.66 -7.05 -19.23
N THR A 128 -10.55 -6.47 -19.63
CA THR A 128 -9.95 -5.36 -18.91
C THR A 128 -10.00 -4.10 -19.75
N GLY A 129 -10.18 -2.97 -19.08
CA GLY A 129 -10.06 -1.69 -19.74
C GLY A 129 -8.62 -1.30 -19.97
N SER A 130 -8.44 -0.18 -20.65
CA SER A 130 -7.15 0.41 -20.89
C SER A 130 -7.18 1.83 -20.37
N GLY A 131 -6.02 2.34 -19.98
CA GLY A 131 -5.89 3.69 -19.48
C GLY A 131 -4.94 3.72 -18.29
N THR A 132 -4.96 4.84 -17.60
CA THR A 132 -4.03 5.10 -16.50
C THR A 132 -4.76 5.05 -15.18
N LEU A 133 -4.13 4.43 -14.19
CA LEU A 133 -4.71 4.41 -12.85
C LEU A 133 -4.80 5.83 -12.32
N VAL A 134 -5.84 6.11 -11.55
CA VAL A 134 -6.02 7.48 -11.08
C VAL A 134 -4.88 7.85 -10.14
N PRO A 135 -4.42 9.09 -10.17
CA PRO A 135 -3.27 9.47 -9.33
C PRO A 135 -3.70 9.77 -7.90
N GLY A 136 -2.71 9.90 -7.04
CA GLY A 136 -2.91 10.31 -5.67
C GLY A 136 -2.43 9.25 -4.71
N LEU A 137 -2.70 9.51 -3.43
CA LEU A 137 -2.30 8.62 -2.36
C LEU A 137 -3.09 7.32 -2.46
N TYR A 138 -2.37 6.20 -2.49
CA TYR A 138 -2.99 4.87 -2.45
C TYR A 138 -2.87 4.21 -1.08
N SER A 139 -1.88 4.58 -0.27
CA SER A 139 -1.76 3.94 1.03
C SER A 139 -1.05 4.87 1.99
N ARG A 140 -1.37 4.68 3.27
CA ARG A 140 -0.67 5.37 4.35
C ARG A 140 -0.50 4.38 5.49
N TYR A 141 0.66 4.41 6.13
CA TYR A 141 1.04 3.50 7.20
C TYR A 141 1.32 4.40 8.40
N TYR A 142 0.39 4.43 9.35
CA TYR A 142 0.37 5.47 10.36
C TYR A 142 -0.08 4.92 11.71
N VAL A 143 0.23 5.67 12.79
CA VAL A 143 -0.23 5.30 14.12
C VAL A 143 -1.41 6.18 14.48
N ASN A 144 -2.24 5.68 15.40
CA ASN A 144 -3.46 6.37 15.77
C ASN A 144 -3.15 7.76 16.28
N GLY A 145 -3.94 8.75 15.84
CA GLY A 145 -3.69 10.13 16.19
C GLY A 145 -2.66 10.85 15.33
N HIS A 146 -2.06 10.17 14.38
CA HIS A 146 -1.03 10.76 13.51
C HIS A 146 -1.24 10.30 12.07
N MET A 147 -2.50 10.23 11.67
CA MET A 147 -2.81 9.93 10.27
C MET A 147 -2.21 10.95 9.32
N ASP A 148 -2.04 12.19 9.76
CA ASP A 148 -1.45 13.24 8.93
C ASP A 148 0.05 13.12 8.79
N ARG A 149 0.70 12.26 9.59
CA ARG A 149 2.15 12.08 9.52
C ARG A 149 2.47 10.61 9.56
N PRO A 150 2.30 9.91 8.43
CA PRO A 150 2.57 8.48 8.41
C PRO A 150 4.05 8.15 8.40
N PHE A 151 4.37 6.94 8.84
CA PHE A 151 5.69 6.39 8.56
C PHE A 151 5.93 6.35 7.06
N LEU A 152 4.92 5.93 6.30
CA LEU A 152 5.12 5.53 4.92
C LEU A 152 3.85 5.78 4.15
N THR A 153 4.00 6.34 2.96
CA THR A 153 2.89 6.51 2.03
C THR A 153 3.31 5.96 0.67
N SER A 154 2.31 5.61 -0.15
CA SER A 154 2.55 5.24 -1.54
C SER A 154 1.62 6.08 -2.38
N THR A 155 2.14 6.63 -3.47
CA THR A 155 1.43 7.60 -4.28
C THR A 155 1.65 7.31 -5.76
N VAL A 156 0.56 7.43 -6.54
CA VAL A 156 0.63 7.39 -8.00
C VAL A 156 0.66 8.81 -8.52
N TYR A 157 1.69 9.15 -9.29
CA TYR A 157 1.81 10.46 -9.91
C TYR A 157 1.60 10.37 -11.41
N GLY A 158 0.69 11.18 -11.94
CA GLY A 158 0.42 11.20 -13.36
C GLY A 158 0.06 9.83 -13.88
N ASN A 159 0.65 9.47 -15.02
CA ASN A 159 0.39 8.16 -15.63
C ASN A 159 1.50 7.17 -15.30
N ALA A 160 1.80 7.05 -14.00
CA ALA A 160 2.84 6.12 -13.58
C ALA A 160 2.42 4.66 -13.76
N ILE A 161 1.13 4.36 -13.77
CA ILE A 161 0.64 3.00 -13.98
C ILE A 161 -0.35 3.05 -15.14
N THR A 162 0.03 2.48 -16.27
CA THR A 162 -0.83 2.48 -17.45
C THR A 162 -1.16 1.04 -17.80
N ILE A 163 -2.43 0.76 -18.05
CA ILE A 163 -2.88 -0.55 -18.50
C ILE A 163 -3.14 -0.49 -20.00
N ALA A 164 -2.59 -1.44 -20.73
CA ALA A 164 -2.80 -1.58 -22.18
C ALA A 164 -3.39 -2.96 -22.44
N SER A 165 -4.70 -3.03 -22.58
CA SER A 165 -5.41 -4.28 -22.86
C SER A 165 -5.52 -4.46 -24.37
N SER A 166 -5.15 -5.64 -24.85
CA SER A 166 -5.15 -5.92 -26.29
C SER A 166 -6.50 -6.42 -26.77
#